data_3EU7
#
_entry.id   3EU7
#
_cell.length_a   82.815
_cell.length_b   62.026
_cell.length_c   77.975
_cell.angle_alpha   90.00
_cell.angle_beta   108.23
_cell.angle_gamma   90.00
#
_symmetry.space_group_name_H-M   'C 1 2 1'
#
loop_
_entity.id
_entity.type
_entity.pdbx_description
1 polymer 'Partner and localizer of BRCA2'
2 polymer '19meric peptide from Breast cancer type 2 susceptibility protein'
3 non-polymer GLYCEROL
4 water water
#
loop_
_entity_poly.entity_id
_entity_poly.type
_entity_poly.pdbx_seq_one_letter_code
_entity_poly.pdbx_strand_id
1 'polypeptide(L)'
;GPHMSVEQTETAELPASDSINPGNLQLVSELKNPSGSCSVDVSAMFWERAGCKEPCIITACEDVVSLWKALDAWQWEKLY
TWHFAEVPVLQIVPVPDVYNLVCVALGNLEIREIRALFCSSDDESEKQVLLKSGNIKAVLGLTKRRLVSSSGTLSDQQVE
VMTFAEDGGGKENQFLMPPEETILTFAEVQGMQEALLGTTIMNNIVIWNLKTGQLLKKMHIDDSYQASVCHKAYSEMGLL
FIVLSHPCAKESESLRSPVFQLIVINPKTTLSVGVMLYCLPPGQAGRFLEGDVKDH(CSD)AAAILTSGTIAIWDLLLGQ
CTALLPPVSDQHWSFVKWSGTDSHLLAGQKDGNIFVYHYS
;
A
2 'polypeptide(L)' KADLGPISLNWFEELSSEA X
#
loop_
_chem_comp.id
_chem_comp.type
_chem_comp.name
_chem_comp.formula
GOL non-polymer GLYCEROL 'C3 H8 O3'
#
# COMPACT_ATOMS: atom_id res chain seq x y z
N ASN A 24 -4.67 -2.18 -22.09
CA ASN A 24 -4.00 -3.46 -21.83
C ASN A 24 -2.51 -3.30 -21.51
N LEU A 25 -1.85 -4.44 -21.34
CA LEU A 25 -0.51 -4.54 -20.78
C LEU A 25 0.58 -4.68 -21.84
N GLN A 26 1.51 -3.73 -21.88
CA GLN A 26 2.63 -3.80 -22.80
C GLN A 26 3.99 -3.93 -22.11
N LEU A 27 4.57 -5.13 -22.13
CA LEU A 27 5.94 -5.31 -21.60
C LEU A 27 6.92 -4.31 -22.16
N VAL A 28 7.41 -3.41 -21.32
CA VAL A 28 8.26 -2.34 -21.82
C VAL A 28 9.70 -2.39 -21.33
N SER A 29 9.94 -2.99 -20.17
CA SER A 29 11.29 -3.02 -19.70
C SER A 29 11.37 -4.07 -18.64
N GLU A 30 12.58 -4.32 -18.15
CA GLU A 30 12.70 -5.38 -17.17
C GLU A 30 13.99 -5.25 -16.40
N LEU A 31 14.08 -6.04 -15.34
CA LEU A 31 15.13 -5.81 -14.39
C LEU A 31 15.38 -7.19 -13.88
N LYS A 32 16.61 -7.68 -14.03
CA LYS A 32 16.96 -8.96 -13.41
C LYS A 32 17.84 -8.62 -12.20
N ASN A 33 17.54 -9.24 -11.07
CA ASN A 33 18.26 -8.91 -9.85
C ASN A 33 18.68 -10.19 -9.15
N PRO A 34 19.65 -10.89 -9.75
CA PRO A 34 20.20 -12.12 -9.20
C PRO A 34 20.91 -11.77 -7.94
N SER A 35 20.17 -11.73 -6.84
CA SER A 35 20.72 -11.20 -5.59
C SER A 35 21.03 -12.32 -4.58
N GLY A 36 20.85 -13.57 -5.01
CA GLY A 36 21.05 -14.70 -4.12
C GLY A 36 20.33 -14.50 -2.80
N SER A 37 19.22 -13.79 -2.87
CA SER A 37 18.37 -13.51 -1.72
C SER A 37 16.96 -13.36 -2.25
N CYS A 38 15.99 -13.91 -1.51
CA CYS A 38 14.61 -13.89 -1.97
C CYS A 38 14.15 -12.44 -2.20
N SER A 39 13.52 -12.18 -3.35
CA SER A 39 12.89 -10.88 -3.61
C SER A 39 11.51 -10.80 -3.00
N VAL A 40 11.22 -9.68 -2.35
CA VAL A 40 10.00 -9.57 -1.57
C VAL A 40 9.08 -8.44 -2.01
N ASP A 41 9.64 -7.42 -2.65
CA ASP A 41 8.87 -6.21 -2.91
C ASP A 41 9.57 -5.31 -3.92
N VAL A 42 8.79 -4.44 -4.57
CA VAL A 42 9.38 -3.46 -5.46
C VAL A 42 8.57 -2.21 -5.39
N SER A 43 9.15 -1.09 -5.77
CA SER A 43 8.25 0.05 -5.90
C SER A 43 8.97 1.08 -6.75
N ALA A 44 8.22 1.98 -7.36
CA ALA A 44 8.84 3.03 -8.15
C ALA A 44 8.62 4.38 -7.49
N MET A 45 9.68 5.16 -7.39
CA MET A 45 9.60 6.50 -6.80
C MET A 45 10.47 7.50 -7.56
N PHE A 46 10.26 8.80 -7.35
CA PHE A 46 11.22 9.77 -7.85
C PHE A 46 12.33 9.90 -6.83
N TRP A 47 13.56 9.97 -7.30
CA TRP A 47 14.69 10.21 -6.41
C TRP A 47 15.18 11.67 -6.55
N GLU A 48 16.46 11.96 -6.40
CA GLU A 48 16.87 13.38 -6.37
C GLU A 48 18.03 13.72 -7.31
N GLY A 51 19.91 16.32 -8.03
CA GLY A 51 19.20 17.56 -7.75
C GLY A 51 17.95 17.74 -8.59
N CYS A 52 17.45 16.62 -9.13
CA CYS A 52 16.27 16.64 -10.00
C CYS A 52 15.42 15.39 -9.84
N LYS A 53 14.10 15.54 -9.91
CA LYS A 53 13.21 14.41 -9.91
C LYS A 53 13.58 13.51 -11.08
N GLU A 54 13.84 12.24 -10.78
CA GLU A 54 14.03 11.23 -11.80
C GLU A 54 13.47 9.90 -11.33
N PRO A 55 12.68 9.26 -12.19
CA PRO A 55 12.01 7.99 -11.85
C PRO A 55 13.00 6.87 -11.60
N CYS A 56 12.94 6.28 -10.41
CA CYS A 56 13.76 5.14 -10.09
CA CYS A 56 13.74 5.11 -10.13
C CYS A 56 12.91 3.94 -9.67
N ILE A 57 13.56 2.80 -9.54
CA ILE A 57 12.88 1.62 -9.06
C ILE A 57 13.65 1.15 -7.87
N ILE A 58 12.92 0.83 -6.81
CA ILE A 58 13.49 0.22 -5.63
C ILE A 58 13.12 -1.27 -5.58
N THR A 59 14.11 -2.13 -5.35
CA THR A 59 13.90 -3.55 -5.17
C THR A 59 14.31 -3.91 -3.77
N ALA A 60 13.61 -4.87 -3.21
CA ALA A 60 13.88 -5.30 -1.88
C ALA A 60 14.03 -6.79 -1.90
N CYS A 61 15.11 -7.28 -1.35
CA CYS A 61 15.19 -8.68 -1.03
C CYS A 61 15.36 -8.78 0.49
N GLU A 62 15.32 -9.99 1.03
CA GLU A 62 15.47 -10.15 2.46
C GLU A 62 16.68 -9.45 3.03
N ASP A 63 17.78 -9.48 2.31
CA ASP A 63 18.97 -8.97 2.95
C ASP A 63 19.60 -7.80 2.21
N VAL A 64 18.90 -7.28 1.21
CA VAL A 64 19.44 -6.17 0.46
C VAL A 64 18.37 -5.39 -0.27
N VAL A 65 18.57 -4.08 -0.33
CA VAL A 65 17.64 -3.21 -0.99
C VAL A 65 18.46 -2.33 -1.92
N SER A 66 17.97 -2.16 -3.16
CA SER A 66 18.73 -1.43 -4.16
C SER A 66 17.89 -0.36 -4.85
N LEU A 67 18.54 0.74 -5.19
CA LEU A 67 17.92 1.77 -5.98
C LEU A 67 18.46 1.67 -7.40
N TRP A 68 17.59 1.67 -8.40
CA TRP A 68 17.99 1.49 -9.81
C TRP A 68 17.54 2.66 -10.67
N LYS A 69 18.33 3.05 -11.67
CA LYS A 69 17.87 4.04 -12.65
C LYS A 69 17.84 3.47 -14.08
N ALA A 70 17.06 4.09 -14.97
CA ALA A 70 16.97 3.64 -16.35
C ALA A 70 18.32 3.73 -17.06
N LEU A 71 18.78 2.60 -17.56
CA LEU A 71 20.03 2.61 -18.30
C LEU A 71 19.69 3.13 -19.69
N ASP A 72 18.68 2.53 -20.31
CA ASP A 72 18.18 2.97 -21.59
C ASP A 72 16.69 2.62 -21.64
N ALA A 73 16.15 2.56 -22.85
CA ALA A 73 14.73 2.31 -23.03
C ALA A 73 14.21 1.06 -22.31
N TRP A 74 15.05 0.06 -22.05
CA TRP A 74 14.50 -1.10 -21.37
C TRP A 74 15.33 -1.65 -20.19
N GLN A 75 16.52 -1.12 -20.04
CA GLN A 75 17.42 -1.72 -19.07
C GLN A 75 17.50 -0.85 -17.85
N TRP A 76 17.78 -1.47 -16.71
CA TRP A 76 17.95 -0.73 -15.44
C TRP A 76 19.31 -0.97 -14.90
N GLU A 77 19.93 0.07 -14.36
CA GLU A 77 21.17 -0.10 -13.62
C GLU A 77 21.10 0.31 -12.13
N LYS A 78 21.79 -0.47 -11.33
CA LYS A 78 21.83 -0.26 -9.90
C LYS A 78 22.72 0.97 -9.55
N LEU A 79 22.18 1.89 -8.75
CA LEU A 79 22.93 3.07 -8.33
C LEU A 79 23.33 2.97 -6.89
N TYR A 80 22.41 2.58 -6.02
CA TYR A 80 22.72 2.37 -4.61
C TYR A 80 22.21 1.06 -4.07
N THR A 81 22.86 0.64 -3.00
CA THR A 81 22.46 -0.56 -2.32
C THR A 81 22.62 -0.41 -0.77
N TRP A 82 21.78 -1.10 -0.01
CA TRP A 82 21.81 -1.04 1.44
C TRP A 82 21.66 -2.48 1.88
N HIS A 83 22.42 -2.87 2.90
CA HIS A 83 22.42 -4.25 3.38
C HIS A 83 21.86 -4.46 4.80
N PHE A 84 21.22 -5.62 5.01
CA PHE A 84 20.58 -5.86 6.29
C PHE A 84 20.93 -7.26 6.76
N ALA A 85 21.61 -7.29 7.90
CA ALA A 85 21.98 -8.56 8.50
C ALA A 85 21.27 -8.65 9.83
N GLU A 86 20.85 -9.87 10.14
CA GLU A 86 20.00 -10.17 11.29
C GLU A 86 18.57 -10.28 10.82
N VAL A 87 17.89 -9.14 10.81
CA VAL A 87 16.47 -9.15 10.54
C VAL A 87 16.18 -8.77 9.08
N PRO A 88 15.50 -9.67 8.39
CA PRO A 88 15.22 -9.59 6.94
C PRO A 88 14.22 -8.51 6.61
N VAL A 89 14.40 -7.92 5.44
CA VAL A 89 13.47 -6.91 4.93
C VAL A 89 12.14 -7.59 4.55
N LEU A 90 11.03 -6.96 4.93
CA LEU A 90 9.68 -7.48 4.78
C LEU A 90 8.93 -6.75 3.65
N GLN A 91 9.11 -5.44 3.57
CA GLN A 91 8.41 -4.68 2.52
C GLN A 91 9.03 -3.33 2.40
N ILE A 92 8.81 -2.71 1.26
CA ILE A 92 9.08 -1.31 1.13
C ILE A 92 7.85 -0.55 1.67
N VAL A 93 8.11 0.65 2.20
CA VAL A 93 7.02 1.50 2.63
C VAL A 93 7.11 2.82 1.90
N PRO A 94 6.43 2.92 0.75
CA PRO A 94 6.43 4.21 0.05
C PRO A 94 5.84 5.36 0.88
N VAL A 95 6.48 6.52 0.78
CA VAL A 95 6.03 7.76 1.40
C VAL A 95 5.86 8.86 0.35
N PRO A 96 4.61 9.25 0.08
CA PRO A 96 4.34 10.29 -0.92
C PRO A 96 5.11 11.60 -0.63
N ASP A 97 5.72 12.20 -1.66
CA ASP A 97 6.33 13.53 -1.52
C ASP A 97 7.69 13.46 -0.81
N VAL A 98 8.27 12.27 -0.81
CA VAL A 98 9.60 12.11 -0.23
C VAL A 98 10.47 11.55 -1.34
N TYR A 99 11.61 12.19 -1.60
CA TYR A 99 12.42 11.85 -2.76
C TYR A 99 13.86 11.64 -2.38
N ASN A 100 14.16 11.76 -1.10
CA ASN A 100 15.55 11.74 -0.69
C ASN A 100 15.81 10.57 0.24
N LEU A 101 14.78 9.74 0.44
CA LEU A 101 14.94 8.49 1.16
C LEU A 101 13.90 7.41 0.83
N VAL A 102 14.22 6.22 1.25
CA VAL A 102 13.40 5.04 1.06
C VAL A 102 13.10 4.45 2.43
N CYS A 103 11.84 4.26 2.75
CA CYS A 103 11.47 3.59 3.98
CA CYS A 103 11.54 3.55 4.00
C CYS A 103 11.24 2.09 3.71
N VAL A 104 11.72 1.21 4.60
CA VAL A 104 11.44 -0.22 4.59
C VAL A 104 11.07 -0.75 5.95
N ALA A 105 10.34 -1.85 5.96
CA ALA A 105 9.95 -2.51 7.18
C ALA A 105 10.69 -3.83 7.25
N LEU A 106 11.33 -4.10 8.39
CA LEU A 106 12.00 -5.38 8.61
C LEU A 106 11.29 -6.31 9.58
N GLY A 107 11.41 -7.61 9.33
CA GLY A 107 10.78 -8.59 10.19
C GLY A 107 10.72 -9.93 9.51
N ASN A 108 10.59 -11.00 10.29
CA ASN A 108 10.43 -12.31 9.67
C ASN A 108 9.00 -12.55 9.23
N LEU A 109 8.04 -11.93 9.92
CA LEU A 109 6.63 -12.16 9.60
C LEU A 109 5.89 -10.96 10.05
N GLU A 110 6.06 -10.66 11.32
CA GLU A 110 5.53 -9.43 11.82
C GLU A 110 6.63 -8.40 11.64
N ILE A 111 6.24 -7.14 11.55
CA ILE A 111 7.21 -6.05 11.52
C ILE A 111 7.93 -5.75 12.86
N ARG A 112 9.26 -5.64 12.85
CA ARG A 112 10.02 -5.31 14.05
C ARG A 112 10.67 -3.93 14.00
N GLU A 113 11.07 -3.51 12.81
CA GLU A 113 11.65 -2.18 12.66
C GLU A 113 11.20 -1.53 11.38
N ILE A 114 11.29 -0.22 11.39
CA ILE A 114 11.07 0.57 10.19
C ILE A 114 12.30 1.39 10.12
N ARG A 115 12.94 1.37 8.97
CA ARG A 115 14.13 2.14 8.75
C ARG A 115 13.99 3.07 7.54
N ALA A 116 14.72 4.17 7.58
CA ALA A 116 14.90 5.05 6.44
C ALA A 116 16.30 4.79 5.86
N LEU A 117 16.35 4.60 4.54
CA LEU A 117 17.58 4.42 3.78
C LEU A 117 17.88 5.69 2.97
N PHE A 118 19.12 6.17 3.02
CA PHE A 118 19.43 7.34 2.23
C PHE A 118 20.89 7.38 1.89
N CYS A 119 21.31 8.46 1.25
CA CYS A 119 22.72 8.59 0.90
C CYS A 119 23.48 9.59 1.78
N SER A 125 26.65 8.30 -0.70
CA SER A 125 27.06 7.28 0.27
C SER A 125 25.88 6.80 1.12
N GLU A 126 25.57 5.50 1.01
CA GLU A 126 24.40 4.91 1.65
C GLU A 126 24.51 4.84 3.18
N LYS A 127 23.42 5.21 3.87
CA LYS A 127 23.33 5.14 5.33
C LYS A 127 21.87 4.84 5.70
N GLN A 128 21.63 4.34 6.91
CA GLN A 128 20.26 4.05 7.34
C GLN A 128 19.99 4.45 8.80
N VAL A 129 18.71 4.75 9.08
CA VAL A 129 18.26 5.23 10.36
C VAL A 129 17.09 4.42 10.91
N LEU A 130 17.19 3.98 12.16
CA LEU A 130 16.08 3.27 12.76
C LEU A 130 14.94 4.26 13.14
N LEU A 131 13.77 4.11 12.51
CA LEU A 131 12.67 5.03 12.73
C LEU A 131 11.76 4.54 13.83
N LYS A 132 11.56 3.23 13.87
CA LYS A 132 10.69 2.68 14.87
C LYS A 132 11.00 1.22 15.01
N SER A 133 10.63 0.71 16.17
CA SER A 133 11.14 -0.54 16.69
C SER A 133 10.13 -1.06 17.70
N GLY A 134 9.79 -2.34 17.62
CA GLY A 134 8.77 -2.86 18.52
C GLY A 134 7.74 -3.77 17.86
N ASN A 135 6.57 -3.90 18.49
CA ASN A 135 5.53 -4.84 18.03
C ASN A 135 4.65 -4.18 16.99
N ILE A 136 5.20 -3.94 15.80
CA ILE A 136 4.45 -3.13 14.84
C ILE A 136 3.44 -3.95 14.04
N LYS A 137 2.20 -3.49 14.02
CA LYS A 137 1.11 -4.24 13.39
C LYS A 137 0.71 -3.77 11.99
N ALA A 138 0.97 -2.49 11.69
CA ALA A 138 0.51 -1.88 10.44
C ALA A 138 1.30 -0.60 10.26
N VAL A 139 1.54 -0.23 9.01
CA VAL A 139 2.35 0.95 8.67
C VAL A 139 1.83 1.47 7.29
N LEU A 140 1.88 2.78 7.07
CA LEU A 140 1.47 3.38 5.80
C LEU A 140 2.14 4.76 5.64
N GLY A 141 2.70 5.02 4.46
CA GLY A 141 3.26 6.30 4.10
C GLY A 141 2.07 7.18 3.77
N LEU A 142 2.13 8.46 4.20
CA LEU A 142 1.06 9.44 4.02
C LEU A 142 1.56 10.67 3.32
N THR A 143 0.62 11.42 2.74
CA THR A 143 0.91 12.63 2.00
C THR A 143 1.69 13.60 2.87
N LYS A 144 2.53 14.41 2.24
CA LYS A 144 3.25 15.47 2.96
C LYS A 144 4.25 14.94 3.98
N ARG A 145 4.92 13.82 3.64
CA ARG A 145 6.09 13.35 4.40
C ARG A 145 5.75 12.68 5.73
N ARG A 146 4.56 12.12 5.82
CA ARG A 146 4.23 11.46 7.06
C ARG A 146 4.21 9.95 6.89
N LEU A 147 4.44 9.29 8.01
CA LEU A 147 4.49 7.86 8.13
C LEU A 147 3.64 7.49 9.37
N VAL A 148 2.58 6.71 9.17
CA VAL A 148 1.77 6.28 10.28
C VAL A 148 2.00 4.81 10.58
N SER A 149 1.98 4.46 11.85
CA SER A 149 2.18 3.09 12.23
C SER A 149 1.41 2.81 13.51
N SER A 150 1.21 1.53 13.80
CA SER A 150 0.49 1.16 15.01
C SER A 150 1.12 -0.09 15.58
N SER A 151 1.05 -0.21 16.90
CA SER A 151 1.58 -1.35 17.65
C SER A 151 0.67 -1.73 18.84
N GLY A 152 1.02 -2.78 19.57
CA GLY A 152 0.09 -3.31 20.55
C GLY A 152 -1.17 -3.85 19.90
N THR A 153 -2.15 -4.21 20.74
CA THR A 153 -3.36 -4.94 20.31
C THR A 153 -4.72 -4.46 20.86
N LEU A 154 -4.72 -3.91 22.07
CA LEU A 154 -5.99 -3.59 22.72
C LEU A 154 -5.92 -2.25 23.44
N SER A 155 -5.96 -2.29 24.78
CA SER A 155 -5.83 -1.05 25.56
C SER A 155 -4.37 -0.61 25.50
N ASP A 156 -3.53 -1.51 25.00
CA ASP A 156 -2.11 -1.25 24.92
C ASP A 156 -1.74 -0.59 23.58
N GLN A 157 -2.69 -0.62 22.65
CA GLN A 157 -2.47 -0.12 21.29
C GLN A 157 -1.99 1.33 21.21
N GLN A 158 -0.94 1.57 20.44
CA GLN A 158 -0.60 2.94 20.07
C GLN A 158 -0.69 3.13 18.57
N VAL A 159 -1.09 4.33 18.15
CA VAL A 159 -1.17 4.75 16.76
C VAL A 159 -0.41 6.05 16.63
N GLU A 160 0.58 6.07 15.74
CA GLU A 160 1.51 7.18 15.65
C GLU A 160 1.76 7.59 14.22
N VAL A 161 1.90 8.89 14.02
CA VAL A 161 2.16 9.50 12.74
C VAL A 161 3.37 10.34 12.93
N MET A 162 4.45 10.01 12.24
CA MET A 162 5.64 10.85 12.32
C MET A 162 5.80 11.66 11.06
N THR A 163 6.55 12.74 11.13
CA THR A 163 6.84 13.59 9.97
C THR A 163 8.37 13.67 9.76
N PHE A 164 8.78 13.82 8.49
CA PHE A 164 10.18 13.97 8.08
C PHE A 164 10.32 15.39 7.56
N ALA A 165 11.50 15.99 7.67
CA ALA A 165 11.71 17.33 7.10
C ALA A 165 11.95 17.31 5.60
N GLY A 168 15.37 14.98 5.36
CA GLY A 168 14.36 14.83 6.38
C GLY A 168 14.73 13.83 7.47
N GLY A 169 14.69 14.29 8.73
CA GLY A 169 14.94 13.43 9.88
C GLY A 169 13.75 13.35 10.84
N GLY A 170 13.83 12.43 11.81
CA GLY A 170 12.78 12.25 12.82
C GLY A 170 12.39 13.52 13.57
N LYS A 171 11.25 14.09 13.20
CA LYS A 171 10.93 15.47 13.55
C LYS A 171 9.80 15.60 14.59
N GLU A 172 8.69 14.95 14.30
CA GLU A 172 7.52 14.96 15.17
C GLU A 172 6.93 13.56 15.24
N ASN A 173 6.19 13.31 16.31
CA ASN A 173 5.40 12.10 16.45
C ASN A 173 4.10 12.50 17.10
N GLN A 174 3.03 12.38 16.35
CA GLN A 174 1.73 12.67 16.94
C GLN A 174 0.99 11.36 17.20
N PHE A 175 0.47 11.15 18.41
CA PHE A 175 -0.29 9.94 18.65
C PHE A 175 -1.71 10.19 18.13
N LEU A 176 -2.40 9.13 17.73
CA LEU A 176 -3.79 9.23 17.36
C LEU A 176 -4.54 8.42 18.39
N MET A 177 -5.79 8.77 18.61
CA MET A 177 -6.62 8.04 19.54
C MET A 177 -6.84 6.57 19.08
N PRO A 178 -6.42 5.60 19.90
CA PRO A 178 -6.50 4.19 19.49
C PRO A 178 -7.89 3.62 19.69
N PRO A 179 -8.33 2.79 18.76
CA PRO A 179 -9.65 2.15 18.90
C PRO A 179 -9.58 0.89 19.76
N GLU A 180 -8.39 0.54 20.22
CA GLU A 180 -8.25 -0.66 21.03
C GLU A 180 -8.91 -1.86 20.35
N GLU A 181 -8.69 -1.93 19.04
CA GLU A 181 -8.95 -3.12 18.27
C GLU A 181 -7.79 -3.13 17.31
N THR A 182 -7.13 -4.26 17.21
CA THR A 182 -5.91 -4.32 16.45
C THR A 182 -6.16 -3.81 15.03
N ILE A 183 -5.32 -2.90 14.59
CA ILE A 183 -5.39 -2.31 13.27
C ILE A 183 -4.78 -3.29 12.30
N LEU A 184 -5.44 -3.56 11.19
CA LEU A 184 -4.81 -4.46 10.24
C LEU A 184 -4.21 -3.67 9.08
N THR A 185 -4.92 -2.65 8.59
CA THR A 185 -4.38 -1.85 7.50
C THR A 185 -4.87 -0.42 7.66
N PHE A 186 -4.03 0.54 7.22
CA PHE A 186 -4.43 1.93 6.98
C PHE A 186 -4.69 2.25 5.50
N ALA A 187 -5.42 3.33 5.25
CA ALA A 187 -5.59 3.86 3.92
C ALA A 187 -5.88 5.32 4.13
N GLU A 188 -5.21 6.19 3.40
CA GLU A 188 -5.53 7.62 3.40
C GLU A 188 -6.74 7.83 2.49
N VAL A 189 -7.72 8.63 2.91
CA VAL A 189 -8.94 8.79 2.09
C VAL A 189 -8.71 9.80 0.94
N GLN A 190 -8.79 9.31 -0.28
CA GLN A 190 -8.63 10.13 -1.47
C GLN A 190 -9.84 11.02 -1.57
N GLY A 191 -9.62 12.32 -1.75
CA GLY A 191 -10.73 13.21 -1.97
C GLY A 191 -11.10 14.02 -0.74
N MET A 192 -10.28 13.89 0.30
CA MET A 192 -10.36 14.76 1.45
C MET A 192 -8.94 14.89 1.86
N GLN A 193 -8.72 15.77 2.79
CA GLN A 193 -7.42 15.87 3.39
C GLN A 193 -7.63 15.59 4.85
N GLU A 194 -6.60 15.03 5.44
CA GLU A 194 -6.59 14.89 6.87
C GLU A 194 -7.55 13.83 7.37
N ALA A 195 -8.08 13.00 6.47
CA ALA A 195 -8.77 11.81 6.93
C ALA A 195 -7.94 10.55 6.77
N LEU A 196 -7.83 9.79 7.86
CA LEU A 196 -7.16 8.52 7.81
C LEU A 196 -8.12 7.39 8.16
N LEU A 197 -8.07 6.33 7.37
CA LEU A 197 -8.94 5.19 7.61
C LEU A 197 -8.18 4.02 8.16
N GLY A 198 -8.79 3.24 9.04
CA GLY A 198 -8.21 1.95 9.43
C GLY A 198 -9.20 0.80 9.39
N THR A 199 -8.71 -0.41 9.23
CA THR A 199 -9.53 -1.60 9.41
C THR A 199 -8.99 -2.31 10.65
N THR A 200 -9.87 -2.93 11.41
CA THR A 200 -9.40 -3.60 12.60
C THR A 200 -9.78 -5.06 12.60
N ILE A 201 -9.10 -5.81 13.43
CA ILE A 201 -9.40 -7.21 13.65
C ILE A 201 -10.92 -7.43 13.86
N MET A 202 -11.63 -6.43 14.39
CA MET A 202 -13.06 -6.61 14.63
C MET A 202 -13.97 -6.48 13.39
N ASN A 203 -13.38 -6.49 12.19
CA ASN A 203 -14.15 -6.15 11.00
C ASN A 203 -14.77 -4.75 11.06
N ASN A 204 -14.13 -3.87 11.83
CA ASN A 204 -14.50 -2.49 11.88
C ASN A 204 -13.59 -1.61 11.04
N ILE A 205 -14.17 -0.52 10.58
CA ILE A 205 -13.47 0.55 9.93
C ILE A 205 -13.51 1.78 10.85
N VAL A 206 -12.34 2.36 11.09
CA VAL A 206 -12.20 3.57 11.88
C VAL A 206 -11.73 4.72 11.00
N ILE A 207 -12.17 5.93 11.32
CA ILE A 207 -11.68 7.13 10.66
C ILE A 207 -11.07 8.09 11.72
N TRP A 208 -9.86 8.60 11.47
CA TRP A 208 -9.27 9.65 12.31
C TRP A 208 -9.18 10.93 11.50
N ASN A 209 -9.16 12.04 12.21
CA ASN A 209 -8.76 13.34 11.73
C ASN A 209 -7.25 13.46 11.93
N LEU A 210 -6.49 13.55 10.86
CA LEU A 210 -5.03 13.57 10.95
C LEU A 210 -4.55 14.82 11.66
N LYS A 211 -5.39 15.83 11.72
CA LYS A 211 -4.93 17.08 12.29
C LYS A 211 -5.03 17.04 13.82
N THR A 212 -6.18 16.63 14.32
CA THR A 212 -6.43 16.72 15.74
C THR A 212 -6.00 15.45 16.47
N GLY A 213 -5.88 14.33 15.73
CA GLY A 213 -5.56 13.05 16.33
C GLY A 213 -6.82 12.30 16.72
N GLN A 214 -7.95 12.97 16.66
CA GLN A 214 -9.20 12.35 17.11
C GLN A 214 -9.70 11.16 16.29
N LEU A 215 -10.23 10.19 17.00
CA LEU A 215 -10.92 9.08 16.39
C LEU A 215 -12.37 9.49 16.13
N LEU A 216 -12.75 9.74 14.88
CA LEU A 216 -14.06 10.36 14.57
C LEU A 216 -15.20 9.37 14.53
N LYS A 217 -14.91 8.12 14.22
CA LYS A 217 -16.00 7.24 13.94
C LYS A 217 -15.49 5.82 13.83
N LYS A 218 -16.27 4.89 14.36
CA LYS A 218 -16.01 3.48 14.21
C LYS A 218 -17.26 2.84 13.57
N MET A 219 -17.07 1.96 12.59
CA MET A 219 -18.23 1.48 11.84
C MET A 219 -18.05 0.02 11.53
N HIS A 220 -18.96 -0.81 12.02
CA HIS A 220 -18.85 -2.22 11.71
C HIS A 220 -19.30 -2.55 10.30
N ILE A 221 -18.53 -3.40 9.64
CA ILE A 221 -18.88 -3.88 8.32
C ILE A 221 -19.47 -5.26 8.43
N ASP A 222 -20.56 -5.48 7.70
CA ASP A 222 -21.24 -6.76 7.76
C ASP A 222 -20.24 -7.89 8.02
N ASP A 223 -20.53 -8.63 9.09
CA ASP A 223 -19.62 -9.55 9.78
C ASP A 223 -18.95 -10.51 8.82
N SER A 224 -19.21 -10.29 7.55
CA SER A 224 -18.51 -10.92 6.45
C SER A 224 -19.51 -11.11 5.31
N TYR A 225 -19.04 -10.93 4.08
CA TYR A 225 -17.65 -10.53 3.87
C TYR A 225 -17.44 -9.03 4.10
N GLN A 226 -16.44 -8.64 4.89
CA GLN A 226 -15.31 -9.45 5.41
C GLN A 226 -14.03 -9.02 4.70
N ALA A 227 -13.23 -8.27 5.44
CA ALA A 227 -12.03 -7.63 4.97
C ALA A 227 -12.09 -6.37 5.79
N SER A 228 -11.02 -5.99 6.46
CA SER A 228 -9.77 -6.74 6.65
C SER A 228 -8.61 -6.06 5.91
N VAL A 229 -8.58 -6.10 4.59
CA VAL A 229 -7.55 -5.36 3.93
C VAL A 229 -8.14 -4.32 3.02
N CYS A 230 -7.92 -3.06 3.36
CA CYS A 230 -8.38 -1.99 2.51
C CYS A 230 -7.25 -1.60 1.59
N HIS A 231 -7.57 -1.59 0.29
CA HIS A 231 -6.56 -1.29 -0.71
C HIS A 231 -6.64 0.17 -1.10
N LYS A 232 -7.81 0.76 -0.91
CA LYS A 232 -8.00 2.13 -1.32
C LYS A 232 -9.29 2.61 -0.72
N ALA A 233 -9.34 3.90 -0.34
CA ALA A 233 -10.60 4.48 0.13
C ALA A 233 -10.86 5.83 -0.52
N TYR A 234 -12.10 6.12 -0.86
CA TYR A 234 -12.42 7.40 -1.53
C TYR A 234 -13.58 8.09 -0.85
N SER A 235 -13.51 9.41 -0.83
CA SER A 235 -14.64 10.23 -0.45
C SER A 235 -15.23 10.93 -1.69
N GLU A 236 -16.55 10.86 -1.81
CA GLU A 236 -17.29 11.51 -2.87
C GLU A 236 -18.68 11.80 -2.30
N MET A 237 -19.16 13.02 -2.48
CA MET A 237 -20.52 13.36 -2.07
C MET A 237 -20.94 12.79 -0.69
N GLY A 238 -20.12 13.01 0.33
CA GLY A 238 -20.46 12.57 1.67
C GLY A 238 -20.62 11.06 1.82
N LEU A 239 -20.15 10.29 0.84
CA LEU A 239 -20.14 8.84 1.00
C LEU A 239 -18.70 8.32 1.01
N LEU A 240 -18.47 7.14 1.61
CA LEU A 240 -17.15 6.54 1.59
C LEU A 240 -17.13 5.32 0.68
N PHE A 241 -16.15 5.28 -0.20
CA PHE A 241 -15.98 4.21 -1.15
C PHE A 241 -14.73 3.41 -0.77
N ILE A 242 -14.95 2.16 -0.40
CA ILE A 242 -13.85 1.37 0.18
C ILE A 242 -13.57 0.06 -0.60
N VAL A 243 -12.33 -0.10 -1.06
CA VAL A 243 -11.96 -1.30 -1.83
C VAL A 243 -11.29 -2.33 -0.93
N LEU A 244 -11.89 -3.50 -0.82
CA LEU A 244 -11.34 -4.61 0.00
C LEU A 244 -11.03 -5.81 -0.87
N SER A 245 -10.30 -6.79 -0.31
CA SER A 245 -9.94 -7.98 -1.09
C SER A 245 -10.42 -9.34 -0.53
N HIS A 246 -11.01 -10.14 -1.43
CA HIS A 246 -11.62 -11.44 -1.12
C HIS A 246 -10.65 -12.60 -1.33
N PRO A 258 -15.18 -13.31 -7.12
CA PRO A 258 -14.95 -12.02 -6.47
C PRO A 258 -13.50 -11.88 -6.00
N VAL A 259 -12.73 -11.01 -6.66
CA VAL A 259 -11.35 -10.79 -6.25
C VAL A 259 -11.20 -9.49 -5.43
N PHE A 260 -11.92 -8.44 -5.83
CA PHE A 260 -12.06 -7.24 -5.00
C PHE A 260 -13.53 -6.89 -4.76
N GLN A 261 -13.80 -6.21 -3.64
CA GLN A 261 -15.12 -5.66 -3.31
C GLN A 261 -15.03 -4.16 -3.09
N LEU A 262 -16.02 -3.45 -3.59
CA LEU A 262 -16.16 -2.03 -3.30
C LEU A 262 -17.33 -1.88 -2.31
N ILE A 263 -17.05 -1.48 -1.06
CA ILE A 263 -18.16 -1.13 -0.12
C ILE A 263 -18.38 0.38 -0.04
N VAL A 264 -19.64 0.74 -0.04
CA VAL A 264 -20.06 2.11 0.01
C VAL A 264 -20.71 2.31 1.37
N ILE A 265 -20.23 3.30 2.10
CA ILE A 265 -20.69 3.53 3.46
C ILE A 265 -21.05 4.97 3.65
N ASN A 266 -22.14 5.20 4.34
CA ASN A 266 -22.52 6.53 4.72
C ASN A 266 -21.92 6.76 6.08
N PRO A 267 -20.88 7.60 6.16
CA PRO A 267 -20.11 7.86 7.38
C PRO A 267 -20.96 8.49 8.50
N LYS A 268 -22.01 9.25 8.17
CA LYS A 268 -22.82 9.92 9.18
C LYS A 268 -23.76 8.92 9.85
N THR A 269 -24.46 8.11 9.05
CA THR A 269 -25.28 7.06 9.64
C THR A 269 -24.45 5.86 10.10
N THR A 270 -23.27 5.67 9.52
CA THR A 270 -22.48 4.49 9.83
C THR A 270 -22.92 3.28 8.99
N LEU A 271 -24.01 3.43 8.27
CA LEU A 271 -24.60 2.28 7.58
C LEU A 271 -23.95 2.06 6.23
N SER A 272 -23.80 0.79 5.87
CA SER A 272 -23.24 0.41 4.58
C SER A 272 -24.38 0.46 3.59
N VAL A 273 -24.15 1.11 2.45
CA VAL A 273 -25.22 1.49 1.53
C VAL A 273 -25.21 0.74 0.21
N GLY A 274 -24.28 -0.20 0.05
CA GLY A 274 -24.23 -1.00 -1.16
C GLY A 274 -22.85 -1.55 -1.33
N VAL A 275 -22.69 -2.43 -2.31
CA VAL A 275 -21.48 -3.20 -2.51
C VAL A 275 -21.35 -3.60 -3.97
N MET A 276 -20.21 -3.26 -4.59
CA MET A 276 -19.89 -3.68 -5.95
C MET A 276 -18.87 -4.83 -5.97
N LEU A 277 -19.03 -5.72 -6.97
CA LEU A 277 -18.14 -6.85 -7.16
C LEU A 277 -17.22 -6.76 -8.38
N TYR A 278 -15.96 -7.14 -8.18
CA TYR A 278 -15.01 -7.31 -9.26
C TYR A 278 -14.62 -8.77 -9.38
N CYS A 279 -15.01 -9.37 -10.50
CA CYS A 279 -14.89 -10.82 -10.64
C CYS A 279 -14.03 -11.17 -11.86
N LEU A 280 -13.40 -12.34 -11.81
CA LEU A 280 -12.67 -12.85 -12.98
C LEU A 280 -13.68 -13.15 -14.09
N PRO A 281 -13.29 -12.93 -15.37
CA PRO A 281 -14.12 -13.21 -16.55
C PRO A 281 -14.59 -14.67 -16.60
N PRO A 282 -15.60 -14.96 -17.46
CA PRO A 282 -16.24 -16.27 -17.70
C PRO A 282 -15.44 -17.49 -17.22
N GLY A 283 -14.36 -17.82 -17.93
CA GLY A 283 -13.45 -18.87 -17.49
C GLY A 283 -12.20 -18.23 -16.93
N GLN A 284 -11.97 -18.42 -15.63
CA GLN A 284 -10.70 -18.03 -15.04
C GLN A 284 -10.51 -18.57 -13.65
N ALA A 285 -9.61 -19.53 -13.52
CA ALA A 285 -9.34 -20.12 -12.23
C ALA A 285 -8.60 -19.11 -11.38
N GLY A 286 -8.67 -19.26 -10.07
CA GLY A 286 -7.84 -18.48 -9.18
C GLY A 286 -8.59 -17.67 -8.14
N ARG A 287 -8.04 -17.63 -6.93
CA ARG A 287 -8.54 -16.79 -5.86
C ARG A 287 -7.59 -15.61 -5.58
N PHE A 288 -8.10 -14.54 -4.99
CA PHE A 288 -7.24 -13.41 -4.63
C PHE A 288 -6.10 -13.90 -3.75
N LEU A 289 -4.90 -13.42 -4.03
CA LEU A 289 -3.79 -13.80 -3.19
C LEU A 289 -3.16 -12.55 -2.58
N GLU A 290 -2.92 -11.55 -3.43
CA GLU A 290 -2.52 -10.24 -2.96
C GLU A 290 -2.66 -9.27 -4.11
N GLY A 291 -2.40 -8.00 -3.86
CA GLY A 291 -2.60 -7.04 -4.91
C GLY A 291 -2.36 -5.62 -4.45
N ASP A 292 -2.65 -4.70 -5.37
CA ASP A 292 -2.34 -3.30 -5.25
C ASP A 292 -3.32 -2.46 -6.06
N VAL A 293 -3.63 -1.27 -5.56
CA VAL A 293 -4.56 -0.41 -6.24
C VAL A 293 -3.95 0.99 -6.40
N LYS A 294 -3.99 1.55 -7.60
CA LYS A 294 -3.54 2.91 -7.79
C LYS A 294 -4.65 3.62 -8.50
N ASP A 295 -5.00 4.80 -8.02
CA ASP A 295 -6.12 5.55 -8.56
C ASP A 295 -7.31 4.67 -8.76
N HIS A 296 -7.71 4.46 -10.00
CA HIS A 296 -8.85 3.61 -10.23
C HIS A 296 -8.48 2.28 -10.91
N CSD A 297 -7.25 1.79 -10.71
CA CSD A 297 -6.93 0.46 -11.18
CB CSD A 297 -5.87 0.50 -12.28
SG CSD A 297 -6.19 1.73 -13.61
C CSD A 297 -6.50 -0.45 -10.06
O CSD A 297 -5.83 -0.06 -9.15
OD1 CSD A 297 -5.12 3.02 -13.33
OD2 CSD A 297 -6.13 0.94 -15.07
N ALA A 298 -6.95 -1.70 -10.15
CA ALA A 298 -6.64 -2.73 -9.19
C ALA A 298 -5.94 -3.89 -9.88
N ALA A 299 -4.85 -4.35 -9.27
CA ALA A 299 -4.19 -5.56 -9.74
C ALA A 299 -4.15 -6.61 -8.65
N ALA A 300 -4.28 -7.87 -9.05
CA ALA A 300 -4.16 -8.96 -8.08
C ALA A 300 -3.31 -10.11 -8.58
N ILE A 301 -2.52 -10.70 -7.68
CA ILE A 301 -1.93 -11.98 -7.94
C ILE A 301 -2.93 -13.03 -7.48
N LEU A 302 -3.30 -13.91 -8.38
CA LEU A 302 -4.24 -14.97 -8.06
C LEU A 302 -3.52 -16.25 -7.63
N THR A 303 -4.23 -17.08 -6.88
CA THR A 303 -3.72 -18.40 -6.56
C THR A 303 -3.31 -19.14 -7.82
N SER A 304 -3.94 -18.82 -8.95
CA SER A 304 -3.47 -19.25 -10.26
C SER A 304 -1.95 -19.15 -10.34
N GLY A 305 -1.45 -17.92 -10.22
CA GLY A 305 -0.08 -17.56 -10.57
C GLY A 305 -0.19 -16.47 -11.64
N THR A 306 -1.41 -16.33 -12.15
CA THR A 306 -1.71 -15.25 -13.06
C THR A 306 -1.99 -13.96 -12.27
N ILE A 307 -1.64 -12.84 -12.86
CA ILE A 307 -2.07 -11.54 -12.39
C ILE A 307 -3.28 -11.08 -13.22
N ALA A 308 -4.28 -10.54 -12.53
CA ALA A 308 -5.50 -9.97 -13.12
C ALA A 308 -5.68 -8.47 -12.80
N ILE A 309 -6.30 -7.73 -13.71
CA ILE A 309 -6.37 -6.28 -13.66
C ILE A 309 -7.80 -5.81 -13.87
N TRP A 310 -8.20 -4.80 -13.11
CA TRP A 310 -9.52 -4.23 -13.23
C TRP A 310 -9.44 -2.71 -13.28
N ASP A 311 -10.31 -2.14 -14.10
CA ASP A 311 -10.59 -0.72 -13.99
C ASP A 311 -11.72 -0.66 -12.98
N LEU A 312 -11.51 0.12 -11.92
CA LEU A 312 -12.45 0.14 -10.81
C LEU A 312 -13.76 0.90 -11.11
N LEU A 313 -13.71 1.87 -12.03
CA LEU A 313 -14.92 2.58 -12.45
C LEU A 313 -15.95 1.63 -13.00
N LEU A 314 -15.52 0.86 -13.98
CA LEU A 314 -16.40 0.03 -14.78
C LEU A 314 -16.63 -1.38 -14.24
N GLY A 315 -15.65 -1.98 -13.57
CA GLY A 315 -15.86 -3.30 -12.99
C GLY A 315 -15.45 -4.46 -13.88
N GLN A 316 -14.90 -4.14 -15.04
CA GLN A 316 -14.43 -5.17 -15.96
C GLN A 316 -12.96 -5.53 -15.72
N CYS A 317 -12.65 -6.81 -15.85
CA CYS A 317 -11.28 -7.30 -15.87
C CYS A 317 -10.57 -6.90 -17.16
N THR A 318 -9.75 -5.86 -17.13
CA THR A 318 -9.17 -5.35 -18.38
C THR A 318 -7.89 -6.03 -18.86
N ALA A 319 -7.46 -7.10 -18.20
CA ALA A 319 -6.29 -7.83 -18.67
C ALA A 319 -5.87 -8.94 -17.75
N LEU A 320 -5.37 -10.01 -18.35
CA LEU A 320 -4.76 -11.11 -17.63
C LEU A 320 -3.28 -11.15 -18.01
N LEU A 321 -2.49 -11.73 -17.13
CA LEU A 321 -1.06 -11.73 -17.33
C LEU A 321 -0.49 -12.97 -16.67
N PRO A 322 -0.34 -14.03 -17.47
CA PRO A 322 0.13 -15.32 -17.01
C PRO A 322 1.61 -15.20 -16.65
N PRO A 323 2.11 -16.14 -15.85
CA PRO A 323 3.51 -16.07 -15.45
C PRO A 323 4.41 -16.31 -16.68
N VAL A 324 5.48 -15.53 -16.79
CA VAL A 324 6.49 -15.74 -17.80
C VAL A 324 7.36 -16.91 -17.37
N SER A 325 7.39 -17.94 -18.20
CA SER A 325 8.02 -19.19 -17.84
C SER A 325 7.07 -19.97 -16.96
N ASP A 326 7.64 -20.74 -16.04
CA ASP A 326 6.89 -21.49 -15.05
C ASP A 326 6.88 -20.76 -13.70
N GLN A 327 7.55 -19.61 -13.65
CA GLN A 327 7.67 -18.85 -12.42
C GLN A 327 6.41 -18.02 -12.14
N HIS A 328 5.64 -18.47 -11.17
CA HIS A 328 4.50 -17.72 -10.65
C HIS A 328 4.91 -16.31 -10.22
N TRP A 329 4.00 -15.38 -10.45
CA TRP A 329 4.25 -14.02 -10.05
C TRP A 329 4.31 -13.96 -8.54
N SER A 330 5.31 -13.30 -7.99
CA SER A 330 5.50 -13.25 -6.55
C SER A 330 4.95 -11.96 -5.88
N PHE A 331 5.06 -10.80 -6.54
CA PHE A 331 4.41 -9.58 -6.04
C PHE A 331 4.14 -8.63 -7.19
N VAL A 332 3.21 -7.70 -6.93
CA VAL A 332 2.75 -6.76 -7.95
C VAL A 332 2.54 -5.39 -7.31
N LYS A 333 2.90 -4.34 -8.01
CA LYS A 333 2.75 -2.99 -7.52
C LYS A 333 2.62 -2.05 -8.67
N TRP A 334 1.68 -1.11 -8.59
CA TRP A 334 1.61 -0.02 -9.55
C TRP A 334 2.77 0.91 -9.31
N SER A 335 3.27 1.51 -10.37
CA SER A 335 4.36 2.48 -10.27
C SER A 335 3.84 3.80 -9.70
N GLY A 336 4.55 4.34 -8.73
CA GLY A 336 4.17 5.65 -8.25
C GLY A 336 4.70 6.81 -9.04
N THR A 337 5.44 6.55 -10.12
CA THR A 337 5.99 7.67 -10.91
C THR A 337 5.25 7.81 -12.25
N ASP A 338 4.70 6.70 -12.75
CA ASP A 338 4.08 6.74 -14.06
C ASP A 338 3.10 5.62 -14.32
N SER A 339 2.77 5.45 -15.59
CA SER A 339 1.73 4.51 -15.97
C SER A 339 2.27 3.12 -16.20
N HIS A 340 2.85 2.53 -15.15
CA HIS A 340 3.35 1.16 -15.26
C HIS A 340 2.96 0.25 -14.13
N LEU A 341 2.83 -1.01 -14.51
CA LEU A 341 2.63 -2.09 -13.59
C LEU A 341 3.94 -2.84 -13.44
N LEU A 342 4.34 -3.02 -12.19
CA LEU A 342 5.54 -3.76 -11.82
C LEU A 342 5.15 -5.16 -11.37
N ALA A 343 5.68 -6.17 -12.04
CA ALA A 343 5.40 -7.57 -11.69
C ALA A 343 6.70 -8.30 -11.42
N GLY A 344 6.77 -8.91 -10.25
CA GLY A 344 8.03 -9.43 -9.78
C GLY A 344 7.94 -10.91 -9.53
N GLN A 345 9.06 -11.59 -9.72
CA GLN A 345 9.18 -12.98 -9.38
C GLN A 345 10.17 -13.03 -8.24
N LYS A 346 10.00 -14.05 -7.40
CA LYS A 346 11.10 -14.52 -6.59
C LYS A 346 11.99 -15.08 -7.66
N ASP A 347 13.15 -14.45 -7.82
CA ASP A 347 14.15 -14.87 -8.79
C ASP A 347 15.41 -14.01 -8.69
N GLY A 348 15.33 -12.68 -8.61
CA GLY A 348 14.11 -11.89 -8.58
C GLY A 348 14.03 -10.90 -9.72
N ASN A 349 13.55 -11.41 -10.85
CA ASN A 349 13.31 -10.61 -12.03
C ASN A 349 12.06 -9.76 -11.93
N ILE A 350 12.21 -8.47 -12.14
CA ILE A 350 11.05 -7.60 -12.25
C ILE A 350 10.65 -7.34 -13.73
N PHE A 351 9.37 -7.51 -14.08
CA PHE A 351 8.84 -7.12 -15.40
C PHE A 351 7.92 -5.90 -15.34
N VAL A 352 8.26 -4.85 -16.06
CA VAL A 352 7.55 -3.59 -16.07
C VAL A 352 6.60 -3.49 -17.28
N TYR A 353 5.30 -3.41 -17.04
CA TYR A 353 4.33 -3.20 -18.14
C TYR A 353 3.72 -1.80 -18.25
N HIS A 354 3.49 -1.37 -19.48
CA HIS A 354 2.81 -0.12 -19.68
C HIS A 354 1.32 -0.40 -19.72
N TYR A 355 0.60 0.28 -18.82
CA TYR A 355 -0.86 0.24 -18.84
C TYR A 355 -1.40 1.46 -19.61
N SER A 356 -2.28 1.18 -20.56
CA SER A 356 -3.09 2.24 -21.19
C SER A 356 -4.44 1.72 -21.71
N LEU B 4 -34.45 6.55 5.83
CA LEU B 4 -34.18 7.71 4.99
C LEU B 4 -32.72 8.20 5.10
N GLY B 5 -31.83 7.33 5.59
CA GLY B 5 -30.43 7.63 5.86
C GLY B 5 -29.86 8.94 5.32
N PRO B 6 -29.83 9.98 6.16
CA PRO B 6 -29.33 11.30 5.75
C PRO B 6 -27.85 11.23 5.32
N ILE B 7 -27.48 11.95 4.26
CA ILE B 7 -26.10 12.10 3.87
C ILE B 7 -25.61 13.49 4.25
N SER B 8 -24.43 13.57 4.85
CA SER B 8 -23.88 14.86 5.19
C SER B 8 -22.54 15.03 4.50
N LEU B 9 -22.46 16.01 3.59
CA LEU B 9 -21.25 16.26 2.80
C LEU B 9 -20.15 16.87 3.66
N ASN B 10 -20.49 17.20 4.90
CA ASN B 10 -19.55 17.84 5.81
C ASN B 10 -19.30 17.02 7.09
N TRP B 11 -19.59 15.71 7.01
CA TRP B 11 -19.52 14.82 8.15
C TRP B 11 -18.16 14.89 8.86
N PHE B 12 -17.12 15.19 8.09
CA PHE B 12 -15.79 15.11 8.64
C PHE B 12 -15.47 16.28 9.58
N GLU B 13 -15.63 17.51 9.10
CA GLU B 13 -15.47 18.68 9.95
C GLU B 13 -16.53 18.65 11.05
N GLU B 14 -17.71 18.13 10.72
CA GLU B 14 -18.77 17.98 11.72
C GLU B 14 -18.29 17.21 12.95
N LEU B 15 -17.81 15.99 12.74
CA LEU B 15 -17.30 15.18 13.85
C LEU B 15 -16.03 15.82 14.42
N SER B 16 -15.27 16.50 13.57
CA SER B 16 -14.09 17.22 14.03
C SER B 16 -14.44 18.48 14.84
N SER B 17 -15.69 18.65 15.24
CA SER B 17 -16.13 19.92 15.80
C SER B 17 -16.79 19.77 17.17
C1 GOL C . 9.20 2.50 -14.87
O1 GOL C . 8.78 3.06 -16.10
C2 GOL C . 8.83 3.50 -13.79
O2 GOL C . 7.54 3.16 -13.32
C3 GOL C . 9.89 3.53 -12.69
O3 GOL C . 10.07 4.83 -12.17
C1 GOL D . 14.32 -6.00 18.62
O1 GOL D . 13.30 -6.21 17.65
C2 GOL D . 15.21 -4.78 18.34
O2 GOL D . 16.45 -5.12 17.77
C3 GOL D . 14.49 -3.76 17.46
O3 GOL D . 15.35 -2.67 17.21
#